data_4CKT
#
_entry.id   4CKT
#
_cell.length_a   50.020
_cell.length_b   62.150
_cell.length_c   114.290
_cell.angle_alpha   90.00
_cell.angle_beta   90.00
_cell.angle_gamma   90.00
#
_symmetry.space_group_name_H-M   'P 21 21 21'
#
loop_
_entity.id
_entity.type
_entity.pdbx_description
1 polymer 'PIH1 DOMAIN-CONTAINING PROTEIN 1'
2 polymer 'TELOMERE LENGTH REGULATION PROTEIN TEL2 HOMOLOG'
3 water water
#
loop_
_entity_poly.entity_id
_entity_poly.type
_entity_poly.pdbx_seq_one_letter_code
_entity_poly.pdbx_strand_id
1 'polypeptide(L)'
;(MSE)ADSTFLAPELSDTES(MSE)GEETVRFQELLLKASKELQQAQTARPDSTQIQPKPGFCVKTNSSEGKVFINICHS
PSIPPPADVTEDELLQ(MSE)LEEDQAGFRIP(MSE)SLGEPHAELDAKGQGCTAYDVAVNSNFYLR(MSE)QNSDFLRE
LVVTIAREGLEDKYGLQLNPEWR(MSE)LKYRSFLGSISQQNIRSQQRPRIQELGTLDASGSLG
;
A,B
2 'polypeptide(L)' ELD(SEP)DDEFS C,D
#
# COMPACT_ATOMS: atom_id res chain seq x y z
N GLN A 47 -21.66 -14.57 -13.36
CA GLN A 47 -21.19 -13.36 -14.05
C GLN A 47 -19.86 -13.55 -14.82
N ILE A 48 -19.41 -12.46 -15.45
CA ILE A 48 -18.12 -12.40 -16.14
C ILE A 48 -17.20 -11.49 -15.36
N GLN A 49 -15.97 -11.96 -15.10
CA GLN A 49 -14.96 -11.17 -14.37
C GLN A 49 -14.72 -9.83 -15.07
N PRO A 50 -14.95 -8.71 -14.37
CA PRO A 50 -14.84 -7.39 -15.01
C PRO A 50 -13.47 -7.10 -15.62
N LYS A 51 -13.50 -6.43 -16.77
CA LYS A 51 -12.31 -6.10 -17.52
C LYS A 51 -11.99 -4.64 -17.20
N PRO A 52 -10.69 -4.28 -17.20
CA PRO A 52 -10.22 -2.95 -16.81
C PRO A 52 -10.69 -1.89 -17.76
N GLY A 53 -10.95 -0.71 -17.21
CA GLY A 53 -11.42 0.41 -17.99
C GLY A 53 -10.46 1.49 -17.62
N PHE A 54 -10.83 2.39 -16.73
CA PHE A 54 -9.84 3.39 -16.37
C PHE A 54 -9.58 3.51 -14.88
N CYS A 55 -8.74 4.47 -14.53
CA CYS A 55 -8.22 4.56 -13.20
C CYS A 55 -8.17 6.02 -12.73
N VAL A 56 -8.58 6.23 -11.49
CA VAL A 56 -8.74 7.55 -10.92
C VAL A 56 -7.93 7.74 -9.64
N LYS A 57 -7.03 8.72 -9.63
CA LYS A 57 -6.32 9.10 -8.41
C LYS A 57 -7.10 10.14 -7.61
N THR A 58 -7.25 9.92 -6.32
CA THR A 58 -7.84 10.91 -5.45
C THR A 58 -7.14 10.71 -4.10
N ASN A 59 -7.57 11.43 -3.07
CA ASN A 59 -6.93 11.28 -1.76
C ASN A 59 -7.97 11.28 -0.66
N SER A 60 -7.53 11.09 0.58
CA SER A 60 -8.45 10.96 1.69
C SER A 60 -7.79 11.12 3.05
N SER A 61 -7.54 12.36 3.49
CA SER A 61 -7.02 12.66 4.85
C SER A 61 -5.86 11.75 5.28
N GLU A 62 -6.15 10.46 5.27
CA GLU A 62 -5.19 9.42 5.58
C GLU A 62 -4.32 9.05 4.38
N GLY A 63 -4.62 9.56 3.19
CA GLY A 63 -3.74 9.30 2.04
C GLY A 63 -4.30 8.91 0.67
N LYS A 64 -3.45 8.40 -0.22
CA LYS A 64 -3.79 8.27 -1.65
C LYS A 64 -4.79 7.15 -1.92
N VAL A 65 -5.84 7.45 -2.68
CA VAL A 65 -6.84 6.45 -2.95
C VAL A 65 -7.04 6.31 -4.46
N PHE A 66 -7.02 5.09 -4.97
CA PHE A 66 -7.19 4.92 -6.39
C PHE A 66 -8.45 4.13 -6.63
N ILE A 67 -9.26 4.58 -7.58
CA ILE A 67 -10.41 3.81 -8.03
C ILE A 67 -10.22 3.28 -9.41
N ASN A 68 -10.34 1.97 -9.54
CA ASN A 68 -10.35 1.33 -10.84
C ASN A 68 -11.79 1.19 -11.33
N ILE A 69 -12.18 1.97 -12.33
CA ILE A 69 -13.48 1.77 -12.98
C ILE A 69 -13.39 0.69 -14.03
N CYS A 70 -13.94 -0.48 -13.73
CA CYS A 70 -13.97 -1.59 -14.65
C CYS A 70 -15.36 -1.72 -15.16
N HIS A 71 -15.63 -2.79 -15.90
CA HIS A 71 -16.95 -2.97 -16.53
C HIS A 71 -17.22 -4.42 -16.82
N SER A 72 -18.50 -4.78 -16.79
CA SER A 72 -18.92 -6.13 -17.11
C SER A 72 -20.25 -6.10 -17.85
N PRO A 73 -20.43 -7.01 -18.81
CA PRO A 73 -21.70 -6.95 -19.49
C PRO A 73 -22.84 -7.49 -18.61
N SER A 74 -22.52 -8.32 -17.62
CA SER A 74 -23.56 -8.96 -16.84
C SER A 74 -23.97 -8.16 -15.60
N ILE A 75 -23.76 -6.86 -15.66
CA ILE A 75 -24.19 -5.95 -14.61
C ILE A 75 -25.26 -5.18 -15.32
N PRO A 76 -26.34 -4.79 -14.61
CA PRO A 76 -27.42 -4.26 -15.43
C PRO A 76 -27.04 -2.89 -15.88
N PRO A 77 -27.57 -2.44 -17.02
CA PRO A 77 -27.26 -1.07 -17.43
C PRO A 77 -28.06 -0.08 -16.60
N PRO A 78 -27.82 1.21 -16.74
CA PRO A 78 -28.72 2.21 -16.20
C PRO A 78 -29.70 2.73 -17.23
N ALA A 79 -30.34 1.83 -17.96
CA ALA A 79 -31.35 2.23 -18.92
C ALA A 79 -32.36 3.20 -18.29
N ASP A 80 -32.60 4.32 -18.95
CA ASP A 80 -31.90 4.69 -20.18
C ASP A 80 -31.74 6.21 -20.24
N VAL A 81 -32.50 6.87 -21.13
CA VAL A 81 -32.45 8.34 -21.30
C VAL A 81 -31.09 8.78 -21.90
N THR A 82 -31.01 9.96 -22.50
CA THR A 82 -29.72 10.47 -22.97
C THR A 82 -29.33 11.81 -22.30
N GLU A 83 -28.28 12.43 -22.80
CA GLU A 83 -27.66 13.63 -22.22
C GLU A 83 -28.57 14.81 -21.89
N ASP A 84 -29.70 14.96 -22.60
CA ASP A 84 -30.52 16.19 -22.50
C ASP A 84 -30.85 16.77 -21.08
N GLU A 85 -31.69 16.23 -20.18
CA GLU A 85 -32.67 15.11 -20.14
C GLU A 85 -32.46 14.54 -18.74
N LEU A 86 -31.26 14.00 -18.57
CA LEU A 86 -30.81 13.49 -17.29
C LEU A 86 -30.29 14.66 -16.46
N LEU A 87 -29.84 15.72 -17.13
CA LEU A 87 -29.56 17.00 -16.47
C LEU A 87 -30.84 17.57 -15.88
N GLN A 88 -31.96 17.19 -16.50
CA GLN A 88 -33.28 17.72 -16.15
C GLN A 88 -33.90 16.88 -15.05
N MSE A 89 -33.64 15.58 -15.05
CA MSE A 89 -34.14 14.78 -13.94
C MSE A 89 -33.13 14.79 -12.75
O MSE A 89 -33.48 14.42 -11.63
CB MSE A 89 -34.47 13.36 -14.45
CG MSE A 89 -33.97 12.16 -13.63
SE MSE A 89 -34.46 10.40 -14.39
CE MSE A 89 -33.10 10.19 -15.78
N LEU A 90 -31.94 15.32 -13.00
CA LEU A 90 -30.96 15.56 -11.93
C LEU A 90 -31.19 16.88 -11.22
N GLU A 91 -31.51 17.91 -12.01
CA GLU A 91 -31.79 19.22 -11.43
C GLU A 91 -32.99 19.19 -10.47
N GLU A 92 -34.18 18.93 -11.02
CA GLU A 92 -35.44 18.95 -10.27
C GLU A 92 -35.48 17.92 -9.14
N ASP A 93 -35.96 16.71 -9.46
CA ASP A 93 -35.92 15.60 -8.52
C ASP A 93 -34.45 15.27 -8.20
N GLN A 94 -33.87 16.05 -7.29
CA GLN A 94 -32.44 15.93 -6.97
C GLN A 94 -32.14 14.71 -6.10
N ALA A 95 -32.74 13.58 -6.46
CA ALA A 95 -32.48 12.30 -5.78
C ALA A 95 -31.37 11.54 -6.49
N GLY A 96 -30.58 12.25 -7.30
CA GLY A 96 -29.52 11.63 -8.06
C GLY A 96 -30.08 10.73 -9.15
N PHE A 97 -29.20 10.01 -9.81
CA PHE A 97 -29.62 9.08 -10.85
C PHE A 97 -29.07 7.65 -10.67
N ARG A 98 -29.86 6.67 -11.09
CA ARG A 98 -29.61 5.25 -10.87
C ARG A 98 -28.62 4.53 -11.80
N ILE A 99 -27.39 4.37 -11.34
CA ILE A 99 -26.31 3.67 -12.04
C ILE A 99 -25.91 2.43 -11.26
N PRO A 100 -26.36 1.25 -11.68
CA PRO A 100 -25.93 0.08 -10.94
C PRO A 100 -24.46 -0.10 -11.11
N MSE A 101 -23.77 -0.22 -9.98
CA MSE A 101 -22.37 -0.56 -9.96
C MSE A 101 -22.08 -1.45 -8.79
O MSE A 101 -22.70 -1.30 -7.74
CB MSE A 101 -21.49 0.69 -9.91
CG MSE A 101 -21.76 1.61 -8.76
SE MSE A 101 -20.51 3.07 -8.83
CE MSE A 101 -20.80 3.61 -10.66
N SER A 102 -21.19 -2.40 -8.99
CA SER A 102 -20.68 -3.22 -7.90
C SER A 102 -19.45 -2.55 -7.26
N LEU A 103 -19.38 -2.52 -5.95
CA LEU A 103 -18.26 -1.85 -5.27
C LEU A 103 -17.34 -2.82 -4.54
N GLY A 104 -16.26 -3.24 -5.20
CA GLY A 104 -15.32 -4.18 -4.60
C GLY A 104 -14.63 -3.76 -3.31
N GLU A 105 -14.14 -4.77 -2.60
CA GLU A 105 -13.28 -4.63 -1.41
C GLU A 105 -12.02 -3.77 -1.65
N PRO A 106 -11.35 -3.29 -0.58
CA PRO A 106 -10.09 -2.58 -0.80
C PRO A 106 -8.96 -3.58 -1.06
N HIS A 107 -7.91 -3.13 -1.74
CA HIS A 107 -6.69 -3.90 -1.87
C HIS A 107 -5.51 -2.92 -1.94
N ALA A 108 -4.36 -3.32 -1.40
CA ALA A 108 -3.23 -2.42 -1.29
C ALA A 108 -2.33 -2.47 -2.53
N GLU A 109 -1.80 -1.32 -2.92
CA GLU A 109 -0.96 -1.28 -4.08
C GLU A 109 0.14 -0.28 -3.83
N LEU A 110 1.18 -0.32 -4.65
CA LEU A 110 2.25 0.66 -4.58
C LEU A 110 2.05 1.79 -5.61
N ASP A 111 2.41 3.00 -5.22
CA ASP A 111 2.46 4.12 -6.16
C ASP A 111 3.83 4.27 -6.88
N ALA A 112 4.05 5.42 -7.49
CA ALA A 112 5.30 5.65 -8.23
C ALA A 112 6.48 5.83 -7.27
N LYS A 113 6.30 6.59 -6.19
CA LYS A 113 7.40 6.80 -5.26
C LYS A 113 7.73 5.51 -4.52
N GLY A 114 6.92 4.48 -4.74
CA GLY A 114 7.12 3.17 -4.13
C GLY A 114 6.45 2.96 -2.77
N GLN A 115 5.68 3.93 -2.30
CA GLN A 115 4.94 3.81 -1.04
C GLN A 115 3.55 3.17 -1.20
N GLY A 116 3.07 2.50 -0.15
CA GLY A 116 1.80 1.80 -0.22
C GLY A 116 0.56 2.71 -0.20
N CYS A 117 -0.54 2.24 -0.77
CA CYS A 117 -1.76 3.03 -0.84
C CYS A 117 -2.91 2.11 -1.19
N THR A 118 -4.13 2.67 -1.25
CA THR A 118 -5.34 1.85 -1.35
C THR A 118 -6.07 1.97 -2.70
N ALA A 119 -6.50 0.82 -3.21
CA ALA A 119 -7.18 0.76 -4.49
C ALA A 119 -8.49 0.02 -4.35
N TYR A 120 -9.55 0.58 -4.94
CA TYR A 120 -10.88 -0.03 -4.93
C TYR A 120 -11.35 -0.31 -6.38
N ASP A 121 -11.91 -1.48 -6.61
CA ASP A 121 -12.49 -1.81 -7.91
C ASP A 121 -13.97 -1.54 -7.93
N VAL A 122 -14.38 -0.71 -8.89
CA VAL A 122 -15.79 -0.38 -9.11
C VAL A 122 -16.16 -0.87 -10.49
N ALA A 123 -17.20 -1.68 -10.64
CA ALA A 123 -17.61 -2.12 -11.98
C ALA A 123 -18.98 -1.57 -12.42
N VAL A 124 -19.07 -1.14 -13.68
CA VAL A 124 -20.33 -0.79 -14.29
C VAL A 124 -20.59 -1.72 -15.46
N ASN A 125 -21.68 -1.47 -16.19
CA ASN A 125 -22.01 -2.31 -17.33
C ASN A 125 -21.19 -1.97 -18.57
N SER A 126 -20.68 -2.99 -19.26
CA SER A 126 -19.78 -2.80 -20.40
C SER A 126 -20.33 -1.85 -21.45
N ASN A 127 -21.53 -2.16 -21.96
CA ASN A 127 -22.20 -1.29 -22.90
C ASN A 127 -22.27 0.15 -22.43
N PHE A 128 -22.66 0.36 -21.19
CA PHE A 128 -22.80 1.72 -20.69
C PHE A 128 -21.43 2.38 -20.56
N TYR A 129 -20.44 1.58 -20.21
CA TYR A 129 -19.07 2.06 -20.12
C TYR A 129 -18.58 2.59 -21.47
N LEU A 130 -18.97 1.92 -22.55
CA LEU A 130 -18.55 2.37 -23.87
C LEU A 130 -19.12 3.74 -24.25
N ARG A 131 -20.36 4.04 -23.88
CA ARG A 131 -20.84 5.42 -23.99
C ARG A 131 -19.98 6.36 -23.14
N MSE A 132 -19.95 6.12 -21.84
CA MSE A 132 -19.27 7.01 -20.88
C MSE A 132 -17.87 7.56 -21.22
O MSE A 132 -17.65 8.78 -21.13
CB MSE A 132 -19.15 6.35 -19.51
CG MSE A 132 -18.23 7.15 -18.61
SE MSE A 132 -17.43 6.16 -17.18
CE MSE A 132 -18.49 4.54 -17.35
N GLN A 133 -16.93 6.68 -21.58
CA GLN A 133 -15.54 7.12 -21.72
C GLN A 133 -15.31 8.22 -22.77
N ASN A 134 -16.15 8.26 -23.81
CA ASN A 134 -16.18 9.41 -24.72
C ASN A 134 -17.28 10.39 -24.35
N SER A 135 -17.37 10.72 -23.06
CA SER A 135 -18.40 11.64 -22.59
C SER A 135 -17.98 12.30 -21.28
N ASP A 136 -17.59 13.57 -21.35
CA ASP A 136 -17.10 14.30 -20.19
C ASP A 136 -18.12 14.26 -19.05
N PHE A 137 -19.35 14.61 -19.39
CA PHE A 137 -20.42 14.70 -18.42
C PHE A 137 -20.69 13.36 -17.78
N LEU A 138 -20.91 12.33 -18.59
CA LEU A 138 -21.13 10.99 -18.06
C LEU A 138 -19.93 10.51 -17.26
N ARG A 139 -18.71 10.83 -17.71
CA ARG A 139 -17.52 10.35 -17.03
C ARG A 139 -17.43 10.95 -15.64
N GLU A 140 -17.64 12.27 -15.51
CA GLU A 140 -17.68 12.92 -14.21
C GLU A 140 -18.84 12.36 -13.37
N LEU A 141 -19.91 11.97 -14.03
CA LEU A 141 -21.04 11.42 -13.29
C LEU A 141 -20.73 10.11 -12.64
N VAL A 142 -20.23 9.16 -13.44
CA VAL A 142 -19.94 7.82 -12.94
C VAL A 142 -18.93 7.87 -11.81
N VAL A 143 -17.92 8.71 -12.00
CA VAL A 143 -16.93 8.91 -10.96
C VAL A 143 -17.58 9.45 -9.71
N THR A 144 -18.43 10.48 -9.84
CA THR A 144 -19.10 11.07 -8.67
C THR A 144 -19.90 10.06 -7.88
N ILE A 145 -20.69 9.27 -8.59
CA ILE A 145 -21.46 8.21 -7.95
C ILE A 145 -20.55 7.22 -7.25
N ALA A 146 -19.48 6.83 -7.91
CA ALA A 146 -18.59 5.81 -7.39
C ALA A 146 -17.88 6.31 -6.15
N ARG A 147 -17.49 7.57 -6.14
CA ARG A 147 -16.78 8.11 -4.99
C ARG A 147 -17.75 8.21 -3.83
N GLU A 148 -18.96 8.73 -4.08
CA GLU A 148 -19.98 8.85 -3.02
C GLU A 148 -20.30 7.49 -2.38
N GLY A 149 -20.49 6.48 -3.23
CA GLY A 149 -20.81 5.15 -2.75
C GLY A 149 -19.65 4.47 -2.05
N LEU A 150 -18.43 4.84 -2.42
CA LEU A 150 -17.24 4.32 -1.74
C LEU A 150 -17.20 4.93 -0.34
N GLU A 151 -17.38 6.24 -0.29
CA GLU A 151 -17.46 6.99 0.96
C GLU A 151 -18.42 6.30 1.90
N ASP A 152 -19.62 6.00 1.42
CA ASP A 152 -20.62 5.41 2.28
C ASP A 152 -20.25 4.01 2.71
N LYS A 153 -19.82 3.17 1.77
CA LYS A 153 -19.52 1.77 2.12
C LYS A 153 -18.31 1.60 3.05
N TYR A 154 -17.28 2.47 2.93
CA TYR A 154 -16.08 2.35 3.78
C TYR A 154 -15.93 3.51 4.78
N GLY A 155 -16.73 4.56 4.64
CA GLY A 155 -16.77 5.59 5.66
C GLY A 155 -15.55 6.45 5.71
N LEU A 156 -15.22 7.06 4.59
CA LEU A 156 -14.05 7.91 4.47
C LEU A 156 -14.40 8.94 3.41
N GLN A 157 -14.24 10.24 3.69
CA GLN A 157 -14.53 11.18 2.63
C GLN A 157 -13.36 11.10 1.68
N LEU A 158 -13.64 11.30 0.39
CA LEU A 158 -12.60 11.29 -0.63
C LEU A 158 -12.59 12.64 -1.29
N ASN A 159 -11.44 13.02 -1.85
CA ASN A 159 -11.29 14.26 -2.59
C ASN A 159 -12.21 14.32 -3.80
N PRO A 160 -13.10 15.31 -3.82
CA PRO A 160 -14.02 15.55 -4.95
C PRO A 160 -13.27 15.85 -6.24
N GLU A 161 -12.18 16.63 -6.21
CA GLU A 161 -11.39 16.81 -7.42
C GLU A 161 -10.48 15.60 -7.58
N TRP A 162 -10.37 15.09 -8.79
CA TRP A 162 -9.63 13.87 -9.01
C TRP A 162 -8.84 14.02 -10.27
N ARG A 163 -8.06 13.00 -10.60
CA ARG A 163 -7.25 13.00 -11.79
C ARG A 163 -7.52 11.68 -12.43
N MSE A 164 -7.45 11.63 -13.76
CA MSE A 164 -7.53 10.33 -14.39
C MSE A 164 -6.14 10.01 -14.87
O MSE A 164 -5.54 10.82 -15.58
CB MSE A 164 -8.54 10.36 -15.53
CG MSE A 164 -8.51 9.14 -16.43
SE MSE A 164 -10.02 9.21 -17.68
CE MSE A 164 -9.20 8.21 -19.18
N LEU A 165 -5.62 8.83 -14.48
CA LEU A 165 -4.29 8.39 -14.93
C LEU A 165 -4.27 8.21 -16.45
N LYS A 166 -3.08 8.26 -17.05
CA LYS A 166 -3.00 8.28 -18.49
C LYS A 166 -2.37 7.01 -19.07
N TYR A 167 -1.44 6.41 -18.33
CA TYR A 167 -0.61 5.37 -18.89
C TYR A 167 -0.84 4.02 -18.26
N ARG A 168 -1.92 3.95 -17.52
CA ARG A 168 -2.28 2.77 -16.76
C ARG A 168 -3.76 2.69 -16.93
N SER A 169 -4.28 1.53 -17.31
CA SER A 169 -5.73 1.45 -17.45
C SER A 169 -6.32 0.92 -16.14
N PHE A 170 -5.46 0.38 -15.26
CA PHE A 170 -5.90 -0.22 -13.99
C PHE A 170 -4.72 -0.42 -13.01
N LEU A 171 -4.92 -0.08 -11.76
CA LEU A 171 -3.87 -0.19 -10.76
C LEU A 171 -4.03 -1.46 -9.92
N GLY A 172 -3.09 -2.39 -10.03
CA GLY A 172 -3.27 -3.68 -9.41
C GLY A 172 -2.88 -4.82 -10.31
N SER A 173 -3.66 -5.90 -10.28
CA SER A 173 -3.33 -7.09 -11.07
C SER A 173 -4.51 -8.04 -11.17
N ILE B 48 16.52 -18.34 -1.39
CA ILE B 48 16.46 -18.29 0.07
C ILE B 48 15.18 -17.62 0.54
N GLN B 49 14.18 -18.43 0.91
CA GLN B 49 12.96 -17.91 1.51
C GLN B 49 13.06 -17.69 3.04
N PRO B 50 13.01 -16.42 3.46
CA PRO B 50 13.21 -15.98 4.84
C PRO B 50 12.13 -16.50 5.77
N LYS B 51 12.53 -16.88 6.97
CA LYS B 51 11.59 -17.31 7.96
C LYS B 51 11.40 -16.09 8.86
N PRO B 52 10.15 -15.80 9.27
CA PRO B 52 9.80 -14.60 10.03
C PRO B 52 10.43 -14.52 11.40
N GLY B 53 10.65 -13.29 11.84
CA GLY B 53 11.22 -12.97 13.13
C GLY B 53 10.29 -11.99 13.83
N PHE B 54 10.59 -10.70 13.77
CA PHE B 54 9.66 -9.72 14.35
C PHE B 54 9.33 -8.59 13.41
N CYS B 55 8.54 -7.65 13.90
CA CYS B 55 7.93 -6.68 13.02
C CYS B 55 8.00 -5.31 13.68
N VAL B 56 8.34 -4.27 12.92
CA VAL B 56 8.57 -2.97 13.51
C VAL B 56 7.71 -1.93 12.84
N LYS B 57 6.74 -1.38 13.57
CA LYS B 57 5.89 -0.31 13.05
C LYS B 57 6.56 1.05 13.19
N THR B 58 6.54 1.81 12.12
CA THR B 58 7.06 3.17 12.12
C THR B 58 6.25 4.02 11.12
N ASN B 59 6.64 5.27 10.92
CA ASN B 59 5.91 6.09 9.98
C ASN B 59 6.88 6.91 9.15
N SER B 60 6.36 7.69 8.22
CA SER B 60 7.24 8.39 7.31
C SER B 60 6.52 9.46 6.55
N SER B 61 6.25 10.60 7.19
CA SER B 61 5.68 11.76 6.48
C SER B 61 4.42 11.44 5.64
N GLU B 62 4.55 10.50 4.71
CA GLU B 62 3.43 10.04 3.88
C GLU B 62 2.62 8.86 4.46
N GLY B 63 2.99 8.34 5.64
CA GLY B 63 2.18 7.28 6.25
C GLY B 63 2.92 6.08 6.81
N LYS B 64 2.19 4.98 7.05
CA LYS B 64 2.69 3.84 7.82
C LYS B 64 3.70 2.92 7.14
N VAL B 65 4.81 2.65 7.82
CA VAL B 65 5.83 1.73 7.30
C VAL B 65 6.14 0.61 8.29
N PHE B 66 6.13 -0.62 7.83
CA PHE B 66 6.36 -1.77 8.70
C PHE B 66 7.61 -2.46 8.20
N ILE B 67 8.54 -2.79 9.08
CA ILE B 67 9.70 -3.55 8.62
C ILE B 67 9.64 -4.95 9.21
N ASN B 68 9.62 -5.96 8.36
CA ASN B 68 9.66 -7.33 8.81
C ASN B 68 11.07 -7.79 8.90
N ILE B 69 11.57 -7.97 10.11
CA ILE B 69 12.88 -8.58 10.30
C ILE B 69 12.74 -10.08 10.28
N CYS B 70 13.28 -10.69 9.24
CA CYS B 70 13.29 -12.15 9.12
C CYS B 70 14.70 -12.66 9.31
N HIS B 71 14.88 -13.95 9.01
CA HIS B 71 16.18 -14.56 9.08
C HIS B 71 16.21 -15.78 8.19
N SER B 72 17.37 -16.05 7.62
CA SER B 72 17.53 -17.20 6.75
C SER B 72 18.84 -17.81 7.18
N PRO B 73 18.94 -19.15 7.12
CA PRO B 73 20.19 -19.71 7.62
C PRO B 73 21.33 -19.37 6.66
N SER B 74 20.97 -19.14 5.41
CA SER B 74 21.97 -18.87 4.40
C SER B 74 22.22 -17.37 4.17
N ILE B 75 22.95 -16.67 5.04
CA ILE B 75 23.31 -15.32 4.66
C ILE B 75 24.78 -14.87 4.53
N PRO B 76 25.73 -15.34 5.35
CA PRO B 76 26.10 -15.89 6.67
C PRO B 76 26.28 -14.69 7.65
N PRO B 77 26.58 -14.94 8.94
CA PRO B 77 26.54 -13.85 9.93
C PRO B 77 27.71 -12.89 9.86
N PRO B 78 27.77 -11.87 10.73
CA PRO B 78 29.07 -11.18 10.78
C PRO B 78 29.96 -11.87 11.82
N ALA B 79 30.01 -13.21 11.72
CA ALA B 79 30.82 -14.06 12.60
C ALA B 79 32.30 -13.65 12.72
N ASP B 80 32.78 -13.46 13.95
CA ASP B 80 31.95 -13.50 15.16
C ASP B 80 32.49 -12.49 16.17
N VAL B 81 31.68 -12.15 17.16
CA VAL B 81 32.04 -11.16 18.17
C VAL B 81 31.04 -11.26 19.29
N THR B 82 31.40 -10.79 20.48
CA THR B 82 30.45 -10.78 21.58
C THR B 82 30.10 -9.34 21.98
N GLU B 83 29.31 -9.19 23.05
CA GLU B 83 28.79 -7.87 23.42
C GLU B 83 29.93 -6.87 23.60
N ASP B 84 31.01 -7.34 24.23
CA ASP B 84 32.16 -6.50 24.56
C ASP B 84 32.69 -5.72 23.36
N GLU B 85 33.23 -6.45 22.39
CA GLU B 85 33.86 -5.88 21.21
C GLU B 85 32.96 -4.95 20.39
N LEU B 86 31.78 -5.43 20.00
CA LEU B 86 30.89 -4.64 19.16
C LEU B 86 30.13 -3.50 19.87
N LEU B 87 29.89 -3.55 21.19
CA LEU B 87 29.37 -2.33 21.84
C LEU B 87 30.36 -1.19 21.67
N GLN B 88 31.64 -1.57 21.52
CA GLN B 88 32.76 -0.64 21.42
C GLN B 88 33.18 -0.29 19.99
N MSE B 89 33.07 -1.23 19.07
CA MSE B 89 33.51 -0.98 17.69
C MSE B 89 32.53 -0.25 16.79
O MSE B 89 32.79 -0.08 15.59
CB MSE B 89 33.97 -2.27 17.02
CG MSE B 89 32.86 -3.08 16.38
SE MSE B 89 33.73 -4.60 15.55
CE MSE B 89 34.02 -5.70 17.13
N LEU B 90 31.41 0.17 17.35
CA LEU B 90 30.49 1.03 16.60
C LEU B 90 31.11 2.42 16.60
N GLU B 91 31.76 2.76 17.71
CA GLU B 91 32.46 4.04 17.86
C GLU B 91 33.60 4.19 16.83
N GLU B 92 34.04 3.09 16.25
CA GLU B 92 35.08 3.12 15.22
C GLU B 92 34.81 2.08 14.13
N ASP B 93 35.84 1.29 13.81
CA ASP B 93 35.74 0.17 12.86
C ASP B 93 35.25 0.54 11.46
N GLN B 94 33.97 0.88 11.36
CA GLN B 94 33.33 1.30 10.10
C GLN B 94 34.13 2.43 9.46
N ALA B 95 34.20 2.46 8.13
CA ALA B 95 33.69 1.40 7.26
C ALA B 95 34.78 0.38 6.84
N GLY B 96 34.54 -0.91 7.06
CA GLY B 96 33.27 -1.42 7.58
C GLY B 96 32.13 -1.34 6.57
N PHE B 97 30.92 -1.68 7.00
CA PHE B 97 30.70 -2.30 8.31
C PHE B 97 30.00 -3.63 8.06
N ARG B 98 30.10 -4.55 9.02
CA ARG B 98 29.56 -5.87 8.82
C ARG B 98 28.01 -5.85 8.89
N ILE B 99 27.46 -6.77 9.69
CA ILE B 99 26.02 -7.06 9.68
C ILE B 99 25.50 -7.12 8.25
N PRO B 100 25.69 -8.25 7.60
CA PRO B 100 25.08 -8.42 6.30
C PRO B 100 23.56 -8.55 6.46
N MSE B 101 22.80 -7.74 5.75
CA MSE B 101 21.34 -7.93 5.71
C MSE B 101 20.80 -7.69 4.30
O MSE B 101 21.20 -6.74 3.62
CB MSE B 101 20.64 -7.04 6.73
CG MSE B 101 21.08 -5.61 6.70
SE MSE B 101 19.89 -4.52 7.76
CE MSE B 101 19.78 -5.65 9.34
N SER B 102 19.87 -8.55 3.89
CA SER B 102 19.20 -8.37 2.62
C SER B 102 18.00 -7.47 2.83
N LEU B 103 17.86 -6.47 1.98
CA LEU B 103 16.76 -5.52 2.13
C LEU B 103 15.79 -5.66 0.98
N GLY B 104 14.78 -6.50 1.17
CA GLY B 104 13.80 -6.79 0.13
C GLY B 104 13.06 -5.58 -0.39
N GLU B 105 12.55 -5.69 -1.62
CA GLU B 105 11.74 -4.63 -2.22
C GLU B 105 10.53 -4.29 -1.38
N PRO B 106 9.94 -3.11 -1.61
CA PRO B 106 8.71 -2.85 -0.86
C PRO B 106 7.58 -3.70 -1.40
N HIS B 107 6.59 -3.95 -0.56
CA HIS B 107 5.36 -4.57 -1.03
C HIS B 107 4.24 -3.93 -0.24
N ALA B 108 3.09 -3.72 -0.88
CA ALA B 108 2.01 -3.02 -0.21
C ALA B 108 1.09 -3.98 0.47
N GLU B 109 0.63 -3.61 1.66
CA GLU B 109 -0.37 -4.42 2.35
C GLU B 109 -1.38 -3.56 3.10
N LEU B 110 -2.47 -4.18 3.51
CA LEU B 110 -3.50 -3.43 4.22
C LEU B 110 -3.26 -3.40 5.72
N ASP B 111 -3.58 -2.29 6.37
CA ASP B 111 -3.48 -2.23 7.81
C ASP B 111 -4.80 -2.69 8.45
N ALA B 112 -4.97 -2.42 9.74
CA ALA B 112 -6.16 -2.89 10.45
C ALA B 112 -7.43 -2.14 10.01
N LYS B 113 -7.31 -0.83 9.89
CA LYS B 113 -8.43 0.01 9.51
C LYS B 113 -8.79 -0.12 8.03
N GLY B 114 -8.03 -0.93 7.29
CA GLY B 114 -8.30 -1.15 5.88
C GLY B 114 -7.63 -0.16 4.94
N GLN B 115 -6.80 0.72 5.47
CA GLN B 115 -6.02 1.66 4.68
C GLN B 115 -4.68 1.03 4.29
N GLY B 116 -4.17 1.43 3.13
CA GLY B 116 -2.94 0.84 2.60
C GLY B 116 -1.67 1.35 3.22
N CYS B 117 -0.64 0.52 3.20
CA CYS B 117 0.65 0.92 3.75
C CYS B 117 1.75 0.04 3.22
N THR B 118 2.98 0.36 3.59
CA THR B 118 4.15 -0.19 2.92
C THR B 118 4.89 -1.15 3.84
N ALA B 119 5.36 -2.26 3.31
CA ALA B 119 6.10 -3.23 4.11
C ALA B 119 7.42 -3.65 3.45
N TYR B 120 8.48 -3.70 4.26
CA TYR B 120 9.82 -4.09 3.82
C TYR B 120 10.27 -5.29 4.58
N ASP B 121 10.88 -6.26 3.90
CA ASP B 121 11.44 -7.44 4.59
C ASP B 121 12.96 -7.44 4.66
N VAL B 122 13.49 -7.46 5.88
CA VAL B 122 14.93 -7.45 6.07
C VAL B 122 15.41 -8.76 6.70
N ALA B 123 16.31 -9.45 6.03
CA ALA B 123 16.83 -10.74 6.52
C ALA B 123 18.26 -10.68 7.04
N VAL B 124 18.51 -11.39 8.13
CA VAL B 124 19.83 -11.57 8.70
C VAL B 124 20.16 -13.08 8.80
N ASN B 125 21.24 -13.43 9.47
CA ASN B 125 21.59 -14.84 9.66
C ASN B 125 20.77 -15.43 10.84
N SER B 126 20.26 -16.66 10.68
CA SER B 126 19.49 -17.31 11.75
C SER B 126 20.27 -17.42 13.04
N ASN B 127 21.46 -18.02 12.95
CA ASN B 127 22.35 -18.12 14.10
C ASN B 127 22.58 -16.75 14.76
N PHE B 128 22.76 -15.73 13.94
CA PHE B 128 22.92 -14.38 14.46
C PHE B 128 21.62 -13.83 15.05
N TYR B 129 20.49 -14.19 14.43
CA TYR B 129 19.17 -13.71 14.88
C TYR B 129 18.87 -14.15 16.31
N LEU B 130 19.24 -15.38 16.62
CA LEU B 130 19.03 -15.93 17.94
C LEU B 130 19.88 -15.22 19.01
N ARG B 131 21.09 -14.82 18.65
CA ARG B 131 21.91 -13.98 19.53
C ARG B 131 21.09 -12.75 19.87
N MSE B 132 20.70 -12.02 18.83
CA MSE B 132 19.93 -10.79 18.94
C MSE B 132 18.70 -10.86 19.87
O MSE B 132 18.46 -9.94 20.65
CB MSE B 132 19.57 -10.30 17.53
CG MSE B 132 18.61 -9.12 17.41
SE MSE B 132 17.90 -8.93 15.59
CE MSE B 132 18.96 -10.26 14.68
N GLN B 133 17.93 -11.94 19.77
CA GLN B 133 16.61 -12.00 20.42
C GLN B 133 16.60 -11.89 21.96
N ASN B 134 17.67 -12.32 22.64
CA ASN B 134 17.75 -12.00 24.08
C ASN B 134 18.74 -10.87 24.44
N SER B 135 18.70 -9.78 23.66
CA SER B 135 19.53 -8.60 23.90
C SER B 135 18.92 -7.33 23.29
N ASP B 136 18.35 -6.48 24.14
CA ASP B 136 17.70 -5.24 23.71
C ASP B 136 18.64 -4.36 22.90
N PHE B 137 19.88 -4.19 23.37
CA PHE B 137 20.82 -3.33 22.66
C PHE B 137 21.05 -3.75 21.21
N LEU B 138 21.40 -5.02 21.02
CA LEU B 138 21.66 -5.55 19.69
C LEU B 138 20.44 -5.43 18.78
N ARG B 139 19.28 -5.64 19.36
CA ARG B 139 18.02 -5.55 18.64
C ARG B 139 17.85 -4.13 18.10
N GLU B 140 18.08 -3.16 18.98
CA GLU B 140 17.98 -1.74 18.67
C GLU B 140 18.99 -1.38 17.57
N LEU B 141 20.15 -2.03 17.62
CA LEU B 141 21.14 -1.79 16.60
C LEU B 141 20.63 -2.28 15.26
N VAL B 142 20.18 -3.53 15.20
CA VAL B 142 19.75 -4.12 13.93
C VAL B 142 18.62 -3.31 13.31
N VAL B 143 17.68 -2.89 14.14
CA VAL B 143 16.60 -2.04 13.66
C VAL B 143 17.19 -0.78 13.06
N THR B 144 18.11 -0.12 13.76
CA THR B 144 18.73 1.08 13.22
C THR B 144 19.46 0.89 11.90
N ILE B 145 20.29 -0.13 11.79
CA ILE B 145 20.94 -0.42 10.51
C ILE B 145 19.86 -0.68 9.46
N ALA B 146 18.79 -1.35 9.86
CA ALA B 146 17.74 -1.71 8.90
C ALA B 146 17.03 -0.49 8.34
N ARG B 147 16.71 0.48 9.20
CA ARG B 147 16.05 1.69 8.75
C ARG B 147 17.03 2.50 7.91
N GLU B 148 18.26 2.64 8.41
CA GLU B 148 19.33 3.40 7.75
C GLU B 148 19.69 2.94 6.35
N GLY B 149 19.84 1.63 6.17
CA GLY B 149 20.19 1.04 4.87
C GLY B 149 19.04 1.03 3.88
N LEU B 150 17.82 1.00 4.40
CA LEU B 150 16.58 1.11 3.64
C LEU B 150 16.39 2.52 3.09
N GLU B 151 16.51 3.53 3.97
CA GLU B 151 16.44 4.95 3.56
C GLU B 151 17.32 5.25 2.35
N ASP B 152 18.53 4.71 2.35
CA ASP B 152 19.43 4.92 1.23
C ASP B 152 18.98 4.23 -0.05
N LYS B 153 18.62 2.96 0.05
CA LYS B 153 18.31 2.18 -1.14
C LYS B 153 17.08 2.69 -1.86
N TYR B 154 16.09 3.09 -1.08
CA TYR B 154 14.79 3.47 -1.62
C TYR B 154 14.47 4.93 -1.52
N GLY B 155 15.16 5.63 -0.64
CA GLY B 155 14.80 7.00 -0.41
C GLY B 155 13.50 6.95 0.37
N LEU B 156 13.29 7.91 1.25
CA LEU B 156 14.32 8.85 1.63
C LEU B 156 14.08 8.94 3.13
N GLN B 157 12.99 9.60 3.53
CA GLN B 157 12.67 9.76 4.94
C GLN B 157 12.03 8.56 5.59
N LEU B 158 12.47 8.26 6.81
CA LEU B 158 11.83 7.26 7.67
C LEU B 158 11.82 7.84 9.06
N ASN B 159 10.84 7.49 9.87
CA ASN B 159 10.87 7.85 11.28
C ASN B 159 12.02 7.11 12.00
N PRO B 160 12.98 7.87 12.56
CA PRO B 160 14.03 7.24 13.38
C PRO B 160 13.45 6.53 14.61
N GLU B 161 12.43 7.13 15.22
CA GLU B 161 11.71 6.60 16.38
C GLU B 161 10.71 5.50 15.97
N TRP B 162 10.63 4.43 16.76
CA TRP B 162 9.71 3.36 16.39
C TRP B 162 9.09 2.60 17.53
N ARG B 163 8.28 1.63 17.14
CA ARG B 163 7.61 0.73 18.04
C ARG B 163 7.86 -0.65 17.45
N MSE B 164 7.99 -1.66 18.31
CA MSE B 164 8.00 -3.06 17.85
C MSE B 164 6.71 -3.77 18.27
O MSE B 164 6.35 -3.77 19.45
CB MSE B 164 9.23 -3.78 18.40
CG MSE B 164 9.11 -5.29 18.34
SE MSE B 164 10.69 -6.23 19.00
CE MSE B 164 9.78 -7.82 19.71
N LEU B 165 6.02 -4.39 17.33
CA LEU B 165 4.78 -5.11 17.62
C LEU B 165 5.04 -6.28 18.58
N LYS B 166 3.99 -6.80 19.20
CA LYS B 166 4.21 -7.81 20.24
C LYS B 166 3.69 -9.20 19.85
N TYR B 167 2.59 -9.23 19.10
CA TYR B 167 1.86 -10.47 18.82
C TYR B 167 1.85 -10.82 17.32
N ARG B 168 2.63 -10.07 16.56
CA ARG B 168 2.68 -10.23 15.11
C ARG B 168 4.14 -10.22 14.72
N SER B 169 4.51 -11.24 13.94
CA SER B 169 5.88 -11.39 13.51
C SER B 169 6.15 -10.82 12.12
N PHE B 170 5.10 -10.61 11.34
CA PHE B 170 5.27 -10.17 9.96
C PHE B 170 3.96 -9.64 9.41
N LEU B 171 4.03 -8.66 8.53
CA LEU B 171 2.84 -8.05 7.96
C LEU B 171 2.45 -8.67 6.61
N GLY B 172 3.44 -9.07 5.82
CA GLY B 172 3.18 -9.49 4.46
C GLY B 172 2.81 -10.94 4.22
N SER B 173 3.69 -11.64 3.49
CA SER B 173 3.40 -12.98 2.99
C SER B 173 4.21 -14.18 3.56
N ILE B 174 5.57 -14.22 3.46
CA ILE B 174 6.46 -13.15 3.01
C ILE B 174 7.52 -13.62 1.98
N SER B 175 8.04 -12.67 1.20
CA SER B 175 8.75 -12.94 -0.06
C SER B 175 10.22 -12.49 0.01
N GLN B 176 11.12 -12.98 -0.86
CA GLN B 176 10.85 -13.96 -1.94
C GLN B 176 11.85 -15.16 -2.04
N GLN B 177 13.18 -14.93 -2.15
CA GLN B 177 13.83 -13.63 -2.35
C GLN B 177 14.91 -13.69 -3.45
N ASN B 178 16.19 -13.66 -3.07
CA ASN B 178 17.29 -13.61 -4.05
C ASN B 178 18.22 -14.84 -4.03
N ILE B 179 17.64 -16.02 -4.22
CA ILE B 179 18.37 -17.28 -4.23
C ILE B 179 19.54 -17.29 -5.23
N GLU C 1 -0.98 18.69 -18.08
CA GLU C 1 -1.49 17.71 -17.13
C GLU C 1 -0.39 17.23 -16.15
N LEU C 2 0.00 15.96 -16.28
CA LEU C 2 1.13 15.33 -15.53
C LEU C 2 1.12 15.34 -13.99
N ASP C 3 0.68 14.23 -13.40
CA ASP C 3 0.79 14.01 -11.96
C ASP C 3 1.73 12.84 -11.63
N SEP C 4 2.44 13.00 -10.53
CA SEP C 4 3.45 12.05 -10.06
CB SEP C 4 3.74 12.35 -8.59
OG SEP C 4 2.58 12.85 -7.97
C SEP C 4 3.20 10.54 -10.26
O SEP C 4 4.14 9.78 -10.48
P SEP C 4 2.59 12.51 -6.40
O1P SEP C 4 3.45 13.70 -5.74
O2P SEP C 4 1.06 12.51 -5.84
O3P SEP C 4 3.23 11.04 -6.12
N ASP C 5 1.93 10.11 -10.21
CA ASP C 5 1.66 8.66 -10.31
C ASP C 5 1.45 8.18 -11.73
N ASP C 6 1.79 9.04 -12.68
CA ASP C 6 1.94 8.63 -14.06
C ASP C 6 3.41 8.49 -14.42
N GLU C 7 4.18 7.82 -13.55
CA GLU C 7 5.54 7.38 -13.84
C GLU C 7 5.72 5.93 -13.36
N PHE C 8 5.18 4.99 -14.14
CA PHE C 8 5.17 3.56 -13.80
C PHE C 8 5.84 2.65 -14.84
N GLU D 1 -2.06 0.06 26.73
CA GLU D 1 -2.45 -1.28 26.31
C GLU D 1 -1.61 -1.83 25.13
N LEU D 2 -2.07 -1.62 23.89
CA LEU D 2 -1.44 -2.22 22.71
C LEU D 2 -1.34 -1.25 21.52
N ASP D 3 -0.85 -1.75 20.38
CA ASP D 3 -0.82 -0.98 19.13
C ASP D 3 -2.07 -1.31 18.31
N SEP D 4 -2.39 -0.44 17.35
CA SEP D 4 -3.57 -0.62 16.51
CB SEP D 4 -4.01 0.71 15.87
OG SEP D 4 -3.02 1.20 14.98
C SEP D 4 -3.39 -1.73 15.45
O SEP D 4 -4.30 -1.96 14.66
P SEP D 4 -3.05 2.80 14.70
O1P SEP D 4 -3.35 3.61 16.07
O2P SEP D 4 -1.63 3.26 14.09
O3P SEP D 4 -4.17 3.15 13.58
N ASP D 5 -2.24 -2.40 15.45
CA ASP D 5 -1.90 -3.36 14.39
C ASP D 5 -1.46 -4.75 14.85
N ASP D 6 -1.89 -5.17 16.03
CA ASP D 6 -1.58 -6.52 16.49
C ASP D 6 -2.73 -7.52 16.26
N GLU D 7 -2.70 -8.61 17.03
CA GLU D 7 -3.77 -9.61 16.96
C GLU D 7 -4.20 -10.03 18.37
N SER D 9 -4.76 2.80 28.62
CA SER D 9 -5.39 2.47 27.34
C SER D 9 -5.60 3.70 26.45
#